data_2X90
#
_entry.id   2X90
#
_cell.length_a   172.833
_cell.length_b   172.833
_cell.length_c   102.874
_cell.angle_alpha   90.00
_cell.angle_beta   90.00
_cell.angle_gamma   120.00
#
_symmetry.space_group_name_H-M   'H 3'
#
loop_
_entity.id
_entity.type
_entity.pdbx_description
1 polymer 'ANGIOTENSIN CONVERTING ENZYME'
2 branched beta-D-mannopyranose-(1-6)-alpha-D-mannopyranose-(1-3)-[alpha-D-mannopyranose-(1-6)]beta-D-mannopyranose-(1-4)-2-acetamido-2-deoxy-beta-D-glucopyranose-(1-4)-2-acetamido-2-deoxy-beta-D-glucopyranose
3 non-polymer '4-(2-HYDROXYETHYL)-1-PIPERAZINE ETHANESULFONIC ACID'
4 non-polymer 1-((2S)-2-{[(1S)-1-CARBOXY-3-PHENYLPROPYL]AMINO}PROPANOYL)-L-PROLINE
5 non-polymer 'ZINC ION'
6 non-polymer 2-acetamido-2-deoxy-beta-D-glucopyranose
7 water water
#
_entity_poly.entity_id   1
_entity_poly.type   'polypeptide(L)'
_entity_poly.pdbx_seq_one_letter_code
;ALVKEEIQAKEYLENLNKELAKRTNVETEAAWAYGSNITDENEKKKNEISAELAKFMKEVASDTTKFQWRSYQSEDLKRQ
FKALTKLGYAALPEDDYAELLDTLSAMESNFAKVKVCDYKDSTKCDLALDPEIEEVISKSRDHEELAYYWREFYDKAGTA
VRSQFERYVELNTKAAKLNNFTSGAEAWLDEYEDDTFEQQLEDIFADIRPLYQQIHGYVRFRLRKHYGDAVVSETGPIPM
HLLGNMWAQQWSEIADIVSPFPEKPLVDVSAEMEKQGYTPLKMFQMGDDFFTSMNLTKLPQDFWDKSIIEKPTDGRDLVC
HASAWDFYLTDDVRIKQCTRVTQDQLFTVHHELGHIQYFLQYQHQPFVYRTGANPGFHEAVGDVLSLSVSTPKHLEKIGL
LKDYVRDDEARINQLFLTALDKIVFLPFAFTMDKYRWSLFRGEVDKANWNCAFWKLRDEYSGIEPPVVRSEKDFDAPAKY
HISADVEYLRYLVSFIIQFQFYKSACIKAGQYDPDNVELPLDNCDIYGSAAAGAAFHNMLSMGASKPWPDALEAFNGERI
MSGKAIAEYFEPLRVWLEAENIKNNVHIGWTTSNKCVS
;
_entity_poly.pdbx_strand_id   A
#
# COMPACT_ATOMS: atom_id res chain seq x y z
N ALA A 1 33.29 17.97 29.12
CA ALA A 1 31.93 17.97 29.73
C ALA A 1 30.81 17.99 28.67
N LEU A 2 29.57 17.87 29.13
CA LEU A 2 28.42 17.61 28.26
C LEU A 2 27.95 18.81 27.42
N VAL A 3 28.13 20.02 27.95
CA VAL A 3 27.73 21.24 27.23
C VAL A 3 28.59 21.41 25.98
N LYS A 4 29.90 21.24 26.11
CA LYS A 4 30.82 21.31 24.98
C LYS A 4 30.59 20.18 23.98
N GLU A 5 30.28 18.99 24.50
CA GLU A 5 30.06 17.82 23.65
C GLU A 5 28.80 17.94 22.80
N GLU A 6 27.71 18.45 23.40
CA GLU A 6 26.44 18.60 22.69
C GLU A 6 26.57 19.56 21.49
N ILE A 7 27.38 20.61 21.65
CA ILE A 7 27.69 21.53 20.56
C ILE A 7 28.45 20.81 19.44
N GLN A 8 29.44 19.99 19.81
CA GLN A 8 30.19 19.18 18.85
C GLN A 8 29.29 18.15 18.16
N ALA A 9 28.37 17.57 18.93
CA ALA A 9 27.42 16.58 18.43
C ALA A 9 26.49 17.16 17.36
N LYS A 10 26.06 18.40 17.55
CA LYS A 10 25.21 19.10 16.59
C LYS A 10 25.92 19.26 15.24
N GLU A 11 27.20 19.61 15.30
CA GLU A 11 28.03 19.76 14.10
C GLU A 11 28.30 18.41 13.45
N TYR A 12 28.51 17.39 14.28
CA TYR A 12 28.69 16.02 13.80
C TYR A 12 27.48 15.55 13.01
N LEU A 13 26.28 15.77 13.55
CA LEU A 13 25.05 15.31 12.93
C LEU A 13 24.78 16.01 11.60
N GLU A 14 25.03 17.32 11.58
CA GLU A 14 24.81 18.14 10.40
C GLU A 14 25.62 17.62 9.21
N ASN A 15 26.91 17.35 9.43
CA ASN A 15 27.78 16.79 8.39
CA ASN A 15 27.77 16.79 8.38
C ASN A 15 27.39 15.36 8.01
N LEU A 16 27.11 14.53 9.02
CA LEU A 16 26.78 13.13 8.79
C LEU A 16 25.49 12.94 7.98
N ASN A 17 24.47 13.75 8.29
CA ASN A 17 23.22 13.71 7.56
C ASN A 17 23.44 13.99 6.07
N LYS A 18 24.21 15.03 5.76
CA LYS A 18 24.53 15.39 4.37
C LYS A 18 25.32 14.28 3.69
N GLU A 19 26.23 13.66 4.41
CA GLU A 19 26.98 12.51 3.91
C GLU A 19 26.06 11.31 3.64
N LEU A 20 25.12 11.07 4.55
CA LEU A 20 24.19 9.95 4.39
C LEU A 20 23.26 10.14 3.19
N ALA A 21 22.79 11.36 2.99
CA ALA A 21 21.95 11.69 1.83
C ALA A 21 22.70 11.42 0.53
N LYS A 22 23.96 11.83 0.47
CA LYS A 22 24.78 11.67 -0.72
C LYS A 22 25.09 10.20 -1.02
N ARG A 23 25.40 9.43 0.02
CA ARG A 23 25.68 8.01 -0.12
C ARG A 23 24.42 7.22 -0.50
N THR A 24 23.27 7.64 0.03
CA THR A 24 22.00 6.96 -0.25
C THR A 24 21.52 7.28 -1.66
N ASN A 25 21.80 8.49 -2.13
CA ASN A 25 21.55 8.86 -3.52
C ASN A 25 22.15 7.85 -4.48
N VAL A 26 23.41 7.48 -4.24
CA VAL A 26 24.12 6.50 -5.06
C VAL A 26 23.45 5.12 -5.01
N GLU A 27 23.05 4.68 -3.83
CA GLU A 27 22.35 3.40 -3.68
C GLU A 27 21.02 3.44 -4.40
N THR A 28 20.30 4.56 -4.27
CA THR A 28 18.98 4.71 -4.86
C THR A 28 19.04 4.70 -6.39
N GLU A 29 20.06 5.35 -6.96
CA GLU A 29 20.26 5.35 -8.41
C GLU A 29 20.47 3.94 -8.95
N ALA A 30 21.26 3.14 -8.24
CA ALA A 30 21.50 1.75 -8.62
C ALA A 30 20.24 0.88 -8.51
N ALA A 31 19.45 1.13 -7.47
CA ALA A 31 18.18 0.41 -7.27
C ALA A 31 17.15 0.78 -8.33
N TRP A 32 17.11 2.07 -8.69
CA TRP A 32 16.27 2.58 -9.77
C TRP A 32 16.62 1.94 -11.11
N ALA A 33 17.93 1.86 -11.40
CA ALA A 33 18.41 1.29 -12.65
C ALA A 33 18.03 -0.18 -12.78
N TYR A 34 18.11 -0.92 -11.68
CA TYR A 34 17.74 -2.32 -11.65
C TYR A 34 16.23 -2.51 -11.82
N GLY A 35 15.44 -1.73 -11.07
CA GLY A 35 13.98 -1.81 -11.14
C GLY A 35 13.44 -1.41 -12.51
N SER A 36 14.13 -0.49 -13.18
CA SER A 36 13.76 -0.01 -14.50
C SER A 36 14.24 -0.93 -15.61
N ASN A 37 15.17 -1.82 -15.28
CA ASN A 37 15.90 -2.62 -16.25
C ASN A 37 16.57 -3.79 -15.56
N ILE A 38 15.86 -4.90 -15.43
CA ILE A 38 16.36 -6.07 -14.71
C ILE A 38 17.37 -6.86 -15.53
N THR A 39 18.63 -6.83 -15.09
CA THR A 39 19.70 -7.62 -15.68
C THR A 39 20.61 -8.13 -14.57
N ASP A 40 21.37 -9.20 -14.86
CA ASP A 40 22.36 -9.72 -13.93
C ASP A 40 23.40 -8.66 -13.55
N GLU A 41 23.73 -7.78 -14.51
CA GLU A 41 24.69 -6.71 -14.30
C GLU A 41 24.17 -5.63 -13.36
N ASN A 42 22.93 -5.20 -13.57
CA ASN A 42 22.30 -4.20 -12.72
C ASN A 42 22.03 -4.70 -11.30
N GLU A 43 21.72 -6.00 -11.19
CA GLU A 43 21.53 -6.66 -9.91
C GLU A 43 22.81 -6.59 -9.08
N LYS A 44 23.91 -7.01 -9.71
CA LYS A 44 25.25 -6.97 -9.12
C LYS A 44 25.61 -5.56 -8.66
N LYS A 45 25.35 -4.57 -9.51
CA LYS A 45 25.63 -3.17 -9.19
C LYS A 45 24.80 -2.68 -8.01
N LYS A 46 23.50 -2.97 -8.04
CA LYS A 46 22.57 -2.60 -6.97
C LYS A 46 23.04 -3.16 -5.62
N ASN A 47 23.29 -4.47 -5.60
CA ASN A 47 23.65 -5.19 -4.39
C ASN A 47 25.02 -4.83 -3.83
N GLU A 48 25.98 -4.56 -4.71
CA GLU A 48 27.32 -4.18 -4.29
C GLU A 48 27.36 -2.78 -3.67
N ILE A 49 26.58 -1.85 -4.23
CA ILE A 49 26.48 -0.50 -3.66
C ILE A 49 25.81 -0.53 -2.28
N SER A 50 24.78 -1.37 -2.14
CA SER A 50 24.07 -1.51 -0.87
C SER A 50 24.97 -2.10 0.22
N ALA A 51 25.80 -3.07 -0.15
CA ALA A 51 26.78 -3.67 0.76
C ALA A 51 27.78 -2.62 1.24
N GLU A 52 28.18 -1.72 0.33
CA GLU A 52 29.07 -0.62 0.64
C GLU A 52 28.43 0.36 1.63
N LEU A 53 27.17 0.73 1.39
CA LEU A 53 26.45 1.62 2.29
C LEU A 53 26.22 0.97 3.66
N ALA A 54 25.92 -0.32 3.67
CA ALA A 54 25.73 -1.07 4.92
C ALA A 54 26.98 -1.01 5.79
N LYS A 55 28.14 -1.18 5.16
CA LYS A 55 29.42 -1.10 5.85
C LYS A 55 29.63 0.26 6.50
N PHE A 56 29.27 1.33 5.80
CA PHE A 56 29.36 2.68 6.34
C PHE A 56 28.42 2.89 7.52
N MET A 57 27.20 2.35 7.42
CA MET A 57 26.21 2.45 8.50
C MET A 57 26.71 1.80 9.80
N LYS A 58 27.36 0.65 9.67
CA LYS A 58 27.99 -0.04 10.80
C LYS A 58 28.98 0.87 11.52
N GLU A 59 29.81 1.57 10.75
CA GLU A 59 30.77 2.52 11.30
C GLU A 59 30.05 3.68 11.99
N VAL A 60 28.97 4.16 11.37
CA VAL A 60 28.16 5.24 11.95
C VAL A 60 27.59 4.81 13.32
N ALA A 61 26.94 3.64 13.35
CA ALA A 61 26.34 3.13 14.57
C ALA A 61 27.38 2.95 15.68
N SER A 62 28.56 2.47 15.29
CA SER A 62 29.69 2.36 16.21
C SER A 62 30.14 3.72 16.74
N ASP A 63 30.17 4.73 15.86
CA ASP A 63 30.60 6.08 16.22
C ASP A 63 29.64 6.82 17.14
N THR A 64 28.36 6.42 17.15
CA THR A 64 27.37 7.05 18.02
C THR A 64 27.65 6.81 19.51
N THR A 65 28.37 5.73 19.82
CA THR A 65 28.71 5.37 21.20
C THR A 65 29.77 6.30 21.80
N LYS A 66 30.47 7.04 20.94
CA LYS A 66 31.45 8.03 21.37
C LYS A 66 30.78 9.30 21.88
N PHE A 67 29.48 9.44 21.62
CA PHE A 67 28.69 10.57 22.08
C PHE A 67 27.75 10.14 23.20
N GLN A 68 27.71 10.93 24.27
CA GLN A 68 26.83 10.69 25.40
C GLN A 68 25.43 11.17 25.05
N TRP A 69 24.90 10.70 23.92
CA TRP A 69 23.70 11.32 23.35
C TRP A 69 22.44 11.23 24.22
N ARG A 70 22.31 10.14 24.97
CA ARG A 70 21.19 9.97 25.90
C ARG A 70 21.18 11.00 27.04
N SER A 71 22.33 11.65 27.25
CA SER A 71 22.47 12.65 28.30
C SER A 71 22.16 14.08 27.85
N TYR A 72 21.92 14.26 26.56
CA TYR A 72 21.78 15.61 25.99
C TYR A 72 20.47 16.30 26.38
N GLN A 73 20.50 17.62 26.33
CA GLN A 73 19.32 18.44 26.63
C GLN A 73 18.34 18.48 25.46
N SER A 74 18.88 18.50 24.24
CA SER A 74 18.06 18.66 23.04
C SER A 74 17.35 17.36 22.64
N GLU A 75 16.02 17.39 22.70
CA GLU A 75 15.20 16.28 22.23
C GLU A 75 15.45 15.98 20.75
N ASP A 76 15.70 17.05 19.99
CA ASP A 76 15.96 16.92 18.55
C ASP A 76 17.25 16.17 18.27
N LEU A 77 18.33 16.54 18.97
CA LEU A 77 19.61 15.85 18.79
C LEU A 77 19.52 14.38 19.20
N LYS A 78 18.88 14.11 20.34
CA LYS A 78 18.67 12.74 20.81
C LYS A 78 17.87 11.89 19.82
N ARG A 79 16.85 12.49 19.22
CA ARG A 79 16.02 11.80 18.23
C ARG A 79 16.83 11.42 16.99
N GLN A 80 17.70 12.33 16.53
CA GLN A 80 18.57 12.07 15.39
C GLN A 80 19.57 10.95 15.66
N PHE A 81 20.22 10.99 16.83
CA PHE A 81 21.16 9.95 17.22
C PHE A 81 20.49 8.58 17.32
N LYS A 82 19.29 8.56 17.90
CA LYS A 82 18.53 7.33 18.02
C LYS A 82 18.26 6.72 16.63
N ALA A 83 17.86 7.58 15.68
CA ALA A 83 17.64 7.16 14.30
C ALA A 83 18.87 6.49 13.68
N LEU A 84 20.04 7.03 13.99
CA LEU A 84 21.32 6.50 13.48
C LEU A 84 21.73 5.16 14.08
N THR A 85 21.30 4.88 15.30
CA THR A 85 21.64 3.60 15.95
C THR A 85 20.89 2.43 15.32
N LYS A 86 19.80 2.74 14.61
CA LYS A 86 18.92 1.72 14.05
C LYS A 86 19.44 1.21 12.71
N LEU A 87 20.19 0.12 12.76
CA LEU A 87 20.91 -0.41 11.59
C LEU A 87 20.05 -1.20 10.62
N GLY A 88 19.01 -1.87 11.14
CA GLY A 88 18.23 -2.80 10.34
C GLY A 88 19.10 -3.93 9.82
N TYR A 89 18.94 -4.25 8.53
CA TYR A 89 19.71 -5.32 7.89
C TYR A 89 21.22 -5.08 7.91
N ALA A 90 21.63 -3.81 7.94
CA ALA A 90 23.03 -3.43 7.94
C ALA A 90 23.79 -3.89 9.19
N ALA A 91 23.07 -4.41 10.18
CA ALA A 91 23.69 -4.97 11.38
C ALA A 91 24.30 -6.35 11.12
N LEU A 92 23.86 -7.00 10.04
CA LEU A 92 24.33 -8.35 9.69
C LEU A 92 25.82 -8.38 9.35
N PRO A 93 26.51 -9.50 9.64
CA PRO A 93 27.87 -9.66 9.14
C PRO A 93 27.93 -9.47 7.62
N GLU A 94 29.07 -9.00 7.13
CA GLU A 94 29.27 -8.71 5.71
C GLU A 94 28.71 -9.78 4.78
N ASP A 95 29.09 -11.04 5.03
CA ASP A 95 28.66 -12.17 4.20
C ASP A 95 27.16 -12.44 4.26
N ASP A 96 26.58 -12.35 5.47
CA ASP A 96 25.14 -12.55 5.66
C ASP A 96 24.32 -11.48 4.98
N TYR A 97 24.80 -10.24 5.02
CA TYR A 97 24.13 -9.13 4.35
C TYR A 97 24.12 -9.32 2.84
N ALA A 98 25.25 -9.77 2.28
CA ALA A 98 25.37 -10.03 0.85
C ALA A 98 24.40 -11.14 0.41
N GLU A 99 24.29 -12.18 1.23
CA GLU A 99 23.39 -13.29 0.95
C GLU A 99 21.92 -12.84 1.00
N LEU A 100 21.59 -11.98 1.96
CA LEU A 100 20.24 -11.44 2.06
C LEU A 100 19.87 -10.62 0.82
N LEU A 101 20.77 -9.75 0.39
CA LEU A 101 20.55 -8.94 -0.81
C LEU A 101 20.32 -9.82 -2.04
N ASP A 102 21.13 -10.86 -2.18
CA ASP A 102 20.98 -11.81 -3.29
C ASP A 102 19.66 -12.56 -3.20
N THR A 103 19.22 -12.86 -1.98
CA THR A 103 17.93 -13.53 -1.75
C THR A 103 16.77 -12.60 -2.12
N LEU A 104 16.86 -11.34 -1.71
CA LEU A 104 15.83 -10.35 -1.99
C LEU A 104 15.68 -10.05 -3.49
N SER A 105 16.80 -9.87 -4.18
CA SER A 105 16.74 -9.62 -5.62
C SER A 105 16.25 -10.86 -6.39
N ALA A 106 16.61 -12.06 -5.92
CA ALA A 106 16.09 -13.30 -6.51
C ALA A 106 14.56 -13.35 -6.45
N MET A 107 13.99 -12.99 -5.31
CA MET A 107 12.54 -13.00 -5.14
C MET A 107 11.83 -11.91 -5.95
N GLU A 108 12.34 -10.67 -5.89
CA GLU A 108 11.71 -9.58 -6.62
C GLU A 108 11.82 -9.77 -8.14
N SER A 109 12.96 -10.25 -8.62
CA SER A 109 13.14 -10.49 -10.06
C SER A 109 12.29 -11.65 -10.56
N ASN A 110 12.12 -12.69 -9.74
CA ASN A 110 11.22 -13.79 -10.05
C ASN A 110 9.79 -13.28 -10.26
N PHE A 111 9.32 -12.49 -9.30
CA PHE A 111 7.98 -11.89 -9.38
C PHE A 111 7.83 -11.07 -10.67
N ALA A 112 8.82 -10.23 -10.94
CA ALA A 112 8.78 -9.31 -12.07
C ALA A 112 8.87 -10.02 -13.42
N LYS A 113 9.46 -11.22 -13.43
CA LYS A 113 9.66 -11.96 -14.67
C LYS A 113 8.61 -13.04 -14.96
N VAL A 114 7.59 -13.15 -14.10
CA VAL A 114 6.55 -14.17 -14.30
C VAL A 114 5.82 -13.98 -15.63
N LYS A 115 5.74 -15.07 -16.40
CA LYS A 115 5.00 -15.11 -17.65
C LYS A 115 4.19 -16.40 -17.70
N VAL A 116 2.94 -16.31 -18.15
CA VAL A 116 2.08 -17.48 -18.24
C VAL A 116 1.58 -17.67 -19.67
N CYS A 117 1.10 -18.89 -19.97
CA CYS A 117 0.55 -19.19 -21.29
C CYS A 117 -0.92 -18.80 -21.38
N ASP A 118 -1.32 -18.34 -22.57
CA ASP A 118 -2.70 -17.98 -22.85
C ASP A 118 -3.61 -19.18 -22.61
N TYR A 119 -4.75 -18.93 -21.96
CA TYR A 119 -5.75 -19.94 -21.64
C TYR A 119 -6.27 -20.66 -22.88
N LYS A 120 -6.39 -19.91 -23.98
CA LYS A 120 -6.95 -20.43 -25.23
C LYS A 120 -5.87 -20.78 -26.27
N ASP A 121 -4.62 -20.40 -25.99
CA ASP A 121 -3.53 -20.58 -26.94
C ASP A 121 -2.24 -20.96 -26.22
N SER A 122 -1.98 -22.26 -26.11
CA SER A 122 -0.82 -22.78 -25.39
C SER A 122 0.54 -22.47 -26.05
N THR A 123 0.48 -21.88 -27.24
CA THR A 123 1.69 -21.44 -27.95
C THR A 123 2.14 -20.06 -27.45
N LYS A 124 1.16 -19.20 -27.15
CA LYS A 124 1.42 -17.85 -26.70
C LYS A 124 1.68 -17.85 -25.19
N CYS A 125 2.95 -17.70 -24.80
CA CYS A 125 3.35 -17.80 -23.40
C CYS A 125 4.12 -16.58 -22.88
N ASP A 126 3.69 -15.39 -23.30
CA ASP A 126 4.34 -14.14 -22.89
C ASP A 126 3.38 -13.19 -22.16
N LEU A 127 2.40 -13.76 -21.48
CA LEU A 127 1.43 -12.97 -20.72
C LEU A 127 2.00 -12.65 -19.34
N ALA A 128 2.21 -11.37 -19.07
CA ALA A 128 2.71 -10.90 -17.78
C ALA A 128 1.53 -10.47 -16.90
N LEU A 129 1.76 -10.40 -15.59
CA LEU A 129 0.73 -9.95 -14.66
C LEU A 129 0.20 -8.58 -15.09
N ASP A 130 1.12 -7.65 -15.32
CA ASP A 130 0.81 -6.31 -15.75
C ASP A 130 1.27 -6.14 -17.21
N PRO A 131 0.32 -5.97 -18.15
CA PRO A 131 -1.13 -5.84 -17.97
C PRO A 131 -1.97 -7.09 -18.26
N GLU A 132 -1.39 -8.12 -18.87
CA GLU A 132 -2.17 -9.21 -19.47
C GLU A 132 -3.03 -10.01 -18.50
N ILE A 133 -2.43 -10.55 -17.44
CA ILE A 133 -3.16 -11.38 -16.49
C ILE A 133 -4.17 -10.56 -15.68
N GLU A 134 -3.76 -9.39 -15.22
CA GLU A 134 -4.65 -8.51 -14.45
C GLU A 134 -5.86 -8.07 -15.26
N GLU A 135 -5.69 -7.93 -16.58
CA GLU A 135 -6.81 -7.62 -17.46
C GLU A 135 -7.87 -8.74 -17.42
N VAL A 136 -7.42 -9.99 -17.50
CA VAL A 136 -8.35 -11.14 -17.45
C VAL A 136 -9.04 -11.22 -16.09
N ILE A 137 -8.25 -11.15 -15.02
CA ILE A 137 -8.78 -11.24 -13.65
C ILE A 137 -9.86 -10.18 -13.39
N SER A 138 -9.63 -8.98 -13.90
CA SER A 138 -10.56 -7.87 -13.68
C SER A 138 -11.78 -7.89 -14.59
N LYS A 139 -11.65 -8.47 -15.78
CA LYS A 139 -12.70 -8.39 -16.81
C LYS A 139 -13.48 -9.68 -17.07
N SER A 140 -12.80 -10.83 -17.05
CA SER A 140 -13.45 -12.11 -17.34
C SER A 140 -14.47 -12.50 -16.27
N ARG A 141 -15.60 -13.05 -16.71
CA ARG A 141 -16.55 -13.66 -15.79
C ARG A 141 -16.73 -15.14 -16.13
N ASP A 142 -15.70 -15.74 -16.72
CA ASP A 142 -15.63 -17.17 -16.98
C ASP A 142 -14.84 -17.77 -15.84
N HIS A 143 -15.53 -18.42 -14.90
CA HIS A 143 -14.91 -18.89 -13.66
C HIS A 143 -13.77 -19.88 -13.87
N GLU A 144 -13.84 -20.68 -14.93
CA GLU A 144 -12.75 -21.62 -15.22
C GLU A 144 -11.51 -20.94 -15.81
N GLU A 145 -11.75 -19.93 -16.65
CA GLU A 145 -10.66 -19.10 -17.17
C GLU A 145 -9.95 -18.42 -16.01
N LEU A 146 -10.73 -17.81 -15.13
CA LEU A 146 -10.21 -17.14 -13.94
C LEU A 146 -9.39 -18.09 -13.07
N ALA A 147 -9.89 -19.30 -12.86
CA ALA A 147 -9.22 -20.31 -12.04
C ALA A 147 -7.89 -20.74 -12.68
N TYR A 148 -7.86 -20.83 -14.01
CA TYR A 148 -6.64 -21.15 -14.74
C TYR A 148 -5.55 -20.12 -14.47
N TYR A 149 -5.87 -18.84 -14.67
CA TYR A 149 -4.88 -17.78 -14.50
C TYR A 149 -4.41 -17.63 -13.05
N TRP A 150 -5.35 -17.85 -12.12
CA TRP A 150 -5.02 -17.87 -10.69
C TRP A 150 -3.93 -18.90 -10.39
N ARG A 151 -4.18 -20.15 -10.79
CA ARG A 151 -3.25 -21.25 -10.54
C ARG A 151 -1.89 -21.02 -11.21
N GLU A 152 -1.91 -20.62 -12.47
CA GLU A 152 -0.67 -20.38 -13.22
C GLU A 152 0.19 -19.32 -12.55
N PHE A 153 -0.44 -18.22 -12.13
CA PHE A 153 0.29 -17.12 -11.51
C PHE A 153 0.85 -17.47 -10.12
N TYR A 154 0.00 -18.02 -9.24
CA TYR A 154 0.43 -18.40 -7.90
C TYR A 154 1.55 -19.44 -7.89
N ASP A 155 1.47 -20.41 -8.79
CA ASP A 155 2.52 -21.43 -8.93
C ASP A 155 3.86 -20.81 -9.31
N LYS A 156 3.83 -19.80 -10.18
CA LYS A 156 5.06 -19.17 -10.68
C LYS A 156 5.60 -18.03 -9.81
N ALA A 157 4.70 -17.23 -9.23
CA ALA A 157 5.11 -16.10 -8.41
C ALA A 157 5.28 -16.50 -6.95
N GLY A 158 4.55 -17.52 -6.53
CA GLY A 158 4.59 -17.94 -5.14
C GLY A 158 5.49 -19.14 -4.90
N THR A 159 5.04 -20.30 -5.32
CA THR A 159 5.70 -21.58 -5.01
C THR A 159 7.17 -21.60 -5.41
N ALA A 160 7.49 -20.99 -6.56
CA ALA A 160 8.85 -21.04 -7.11
C ALA A 160 9.93 -20.47 -6.20
N VAL A 161 9.55 -19.61 -5.26
CA VAL A 161 10.54 -18.94 -4.40
C VAL A 161 10.48 -19.35 -2.92
N ARG A 162 9.94 -20.52 -2.63
CA ARG A 162 9.83 -21.00 -1.25
C ARG A 162 11.17 -21.04 -0.51
N SER A 163 12.18 -21.64 -1.14
CA SER A 163 13.49 -21.79 -0.51
C SER A 163 14.17 -20.43 -0.26
N GLN A 164 14.05 -19.51 -1.22
CA GLN A 164 14.56 -18.15 -1.04
C GLN A 164 13.82 -17.43 0.09
N PHE A 165 12.50 -17.60 0.13
CA PHE A 165 11.71 -16.97 1.18
C PHE A 165 12.08 -17.50 2.57
N GLU A 166 12.31 -18.80 2.67
CA GLU A 166 12.74 -19.43 3.92
C GLU A 166 14.06 -18.83 4.44
N ARG A 167 15.02 -18.66 3.53
CA ARG A 167 16.33 -18.08 3.87
C ARG A 167 16.19 -16.61 4.27
N TYR A 168 15.32 -15.89 3.57
CA TYR A 168 15.01 -14.51 3.90
C TYR A 168 14.45 -14.37 5.33
N VAL A 169 13.52 -15.24 5.71
CA VAL A 169 12.97 -15.25 7.07
C VAL A 169 14.08 -15.45 8.12
N GLU A 170 14.97 -16.41 7.85
CA GLU A 170 16.13 -16.68 8.72
C GLU A 170 17.03 -15.46 8.89
N LEU A 171 17.34 -14.79 7.79
CA LEU A 171 18.26 -13.65 7.82
C LEU A 171 17.60 -12.39 8.38
N ASN A 172 16.32 -12.20 8.08
CA ASN A 172 15.53 -11.12 8.67
C ASN A 172 15.50 -11.24 10.20
N THR A 173 15.29 -12.47 10.68
CA THR A 173 15.30 -12.77 12.12
C THR A 173 16.67 -12.51 12.74
N LYS A 174 17.72 -12.96 12.05
CA LYS A 174 19.08 -12.75 12.51
C LYS A 174 19.40 -11.25 12.64
N ALA A 175 19.00 -10.47 11.64
CA ALA A 175 19.20 -9.02 11.64
C ALA A 175 18.47 -8.34 12.80
N ALA A 176 17.20 -8.72 12.99
CA ALA A 176 16.38 -8.16 14.06
C ALA A 176 17.01 -8.37 15.44
N LYS A 177 17.49 -9.59 15.67
CA LYS A 177 18.10 -9.94 16.96
C LYS A 177 19.43 -9.23 17.18
N LEU A 178 20.15 -8.94 16.10
CA LEU A 178 21.38 -8.14 16.18
C LEU A 178 21.08 -6.68 16.52
N ASN A 179 19.86 -6.24 16.25
CA ASN A 179 19.39 -4.94 16.68
C ASN A 179 18.64 -5.03 18.02
N ASN A 180 18.69 -6.21 18.63
CA ASN A 180 18.03 -6.50 19.91
C ASN A 180 16.51 -6.38 19.93
N PHE A 181 15.90 -6.55 18.75
CA PHE A 181 14.46 -6.79 18.66
C PHE A 181 14.25 -8.30 18.77
N THR A 182 13.07 -8.71 19.23
CA THR A 182 12.75 -10.14 19.34
C THR A 182 12.73 -10.80 17.97
N SER A 183 12.16 -10.10 16.99
CA SER A 183 12.06 -10.60 15.62
C SER A 183 11.83 -9.45 14.66
N GLY A 184 11.70 -9.76 13.38
CA GLY A 184 11.42 -8.75 12.36
C GLY A 184 10.08 -8.06 12.54
N ALA A 185 9.17 -8.70 13.27
CA ALA A 185 7.87 -8.10 13.57
C ALA A 185 8.05 -6.86 14.44
N GLU A 186 8.85 -6.99 15.51
CA GLU A 186 9.12 -5.88 16.41
C GLU A 186 9.96 -4.80 15.74
N ALA A 187 10.87 -5.21 14.85
CA ALA A 187 11.66 -4.26 14.07
C ALA A 187 10.75 -3.39 13.21
N TRP A 188 9.77 -3.99 12.55
CA TRP A 188 8.80 -3.25 11.74
C TRP A 188 7.93 -2.35 12.62
N LEU A 189 7.41 -2.92 13.72
CA LEU A 189 6.52 -2.19 14.62
C LEU A 189 7.18 -0.97 15.26
N ASP A 190 8.51 -1.02 15.40
CA ASP A 190 9.28 0.08 15.97
C ASP A 190 9.08 1.41 15.22
N GLU A 191 8.78 1.32 13.92
CA GLU A 191 8.52 2.51 13.09
C GLU A 191 7.32 3.34 13.54
N TYR A 192 6.44 2.74 14.34
CA TYR A 192 5.23 3.42 14.80
C TYR A 192 5.37 4.03 16.21
N GLU A 193 6.53 3.83 16.83
CA GLU A 193 6.90 4.46 18.11
C GLU A 193 5.76 4.44 19.13
N ASP A 194 5.18 3.25 19.35
CA ASP A 194 4.04 3.11 20.24
C ASP A 194 3.92 1.66 20.67
N ASP A 195 4.21 1.37 21.94
CA ASP A 195 4.24 -0.01 22.42
C ASP A 195 2.85 -0.67 22.51
N THR A 196 1.78 0.09 22.28
CA THR A 196 0.43 -0.48 22.24
C THR A 196 -0.17 -0.48 20.83
N PHE A 197 0.66 -0.32 19.81
CA PHE A 197 0.18 -0.12 18.45
C PHE A 197 -0.64 -1.30 17.92
N GLU A 198 -0.17 -2.52 18.16
CA GLU A 198 -0.89 -3.73 17.76
C GLU A 198 -2.29 -3.82 18.36
N GLN A 199 -2.39 -3.55 19.66
CA GLN A 199 -3.69 -3.60 20.34
C GLN A 199 -4.64 -2.54 19.80
N GLN A 200 -4.10 -1.35 19.55
CA GLN A 200 -4.88 -0.24 18.98
C GLN A 200 -5.53 -0.63 17.66
N LEU A 201 -4.75 -1.27 16.80
CA LEU A 201 -5.25 -1.75 15.51
C LEU A 201 -6.25 -2.88 15.67
N GLU A 202 -6.01 -3.79 16.61
CA GLU A 202 -6.99 -4.85 16.91
C GLU A 202 -8.33 -4.25 17.32
N ASP A 203 -8.29 -3.21 18.17
CA ASP A 203 -9.49 -2.53 18.64
C ASP A 203 -10.25 -1.83 17.50
N ILE A 204 -9.52 -1.14 16.63
CA ILE A 204 -10.14 -0.46 15.49
C ILE A 204 -10.71 -1.48 14.52
N PHE A 205 -9.91 -2.49 14.17
CA PHE A 205 -10.38 -3.54 13.28
C PHE A 205 -11.66 -4.21 13.79
N ALA A 206 -11.72 -4.50 15.09
CA ALA A 206 -12.91 -5.13 15.70
C ALA A 206 -14.17 -4.27 15.55
N ASP A 207 -14.02 -2.95 15.61
CA ASP A 207 -15.12 -2.01 15.42
C ASP A 207 -15.65 -2.01 13.98
N ILE A 208 -14.75 -2.16 13.00
CA ILE A 208 -15.13 -2.12 11.58
C ILE A 208 -15.51 -3.49 11.04
N ARG A 209 -15.04 -4.55 11.70
CA ARG A 209 -15.25 -5.92 11.24
C ARG A 209 -16.72 -6.28 10.93
N PRO A 210 -17.68 -5.89 11.80
CA PRO A 210 -19.09 -6.20 11.50
C PRO A 210 -19.57 -5.63 10.17
N LEU A 211 -19.13 -4.42 9.82
CA LEU A 211 -19.46 -3.85 8.51
C LEU A 211 -18.88 -4.69 7.37
N TYR A 212 -17.65 -5.16 7.53
CA TYR A 212 -17.04 -6.04 6.52
C TYR A 212 -17.87 -7.29 6.31
N GLN A 213 -18.34 -7.90 7.40
CA GLN A 213 -19.13 -9.14 7.35
C GLN A 213 -20.43 -8.95 6.55
N GLN A 214 -21.02 -7.77 6.66
CA GLN A 214 -22.25 -7.42 5.93
C GLN A 214 -21.97 -7.28 4.44
N ILE A 215 -20.85 -6.64 4.11
CA ILE A 215 -20.43 -6.45 2.72
C ILE A 215 -20.10 -7.81 2.10
N HIS A 216 -19.32 -8.61 2.82
CA HIS A 216 -18.97 -9.97 2.40
C HIS A 216 -20.23 -10.80 2.12
N GLY A 217 -21.18 -10.77 3.06
CA GLY A 217 -22.44 -11.52 2.92
C GLY A 217 -23.24 -11.11 1.70
N TYR A 218 -23.36 -9.80 1.48
CA TYR A 218 -24.10 -9.28 0.33
C TYR A 218 -23.42 -9.61 -1.00
N VAL A 219 -22.09 -9.47 -1.05
CA VAL A 219 -21.34 -9.78 -2.27
C VAL A 219 -21.50 -11.27 -2.63
N ARG A 220 -21.37 -12.14 -1.64
CA ARG A 220 -21.52 -13.59 -1.83
C ARG A 220 -22.91 -13.95 -2.37
N PHE A 221 -23.94 -13.30 -1.81
CA PHE A 221 -25.31 -13.45 -2.25
C PHE A 221 -25.47 -13.06 -3.73
N ARG A 222 -24.90 -11.91 -4.09
CA ARG A 222 -24.98 -11.42 -5.47
C ARG A 222 -24.17 -12.28 -6.44
N LEU A 223 -23.03 -12.79 -6.00
CA LEU A 223 -22.22 -13.70 -6.82
C LEU A 223 -22.93 -15.05 -7.08
N ARG A 224 -23.71 -15.51 -6.11
CA ARG A 224 -24.52 -16.72 -6.29
C ARG A 224 -25.54 -16.56 -7.41
N LYS A 225 -26.15 -15.38 -7.50
CA LYS A 225 -27.12 -15.08 -8.55
C LYS A 225 -26.48 -15.01 -9.93
N HIS A 226 -25.19 -14.66 -9.97
CA HIS A 226 -24.44 -14.56 -11.22
C HIS A 226 -23.87 -15.90 -11.67
N TYR A 227 -23.14 -16.57 -10.78
CA TYR A 227 -22.41 -17.80 -11.13
C TYR A 227 -23.19 -19.08 -10.83
N GLY A 228 -24.20 -19.00 -9.97
CA GLY A 228 -24.93 -20.18 -9.53
C GLY A 228 -24.31 -20.82 -8.31
N ASP A 229 -25.06 -21.70 -7.66
CA ASP A 229 -24.63 -22.32 -6.41
C ASP A 229 -23.58 -23.43 -6.55
N ALA A 230 -23.34 -23.90 -7.78
CA ALA A 230 -22.27 -24.86 -8.02
C ALA A 230 -20.89 -24.19 -7.90
N VAL A 231 -20.84 -22.89 -8.14
CA VAL A 231 -19.59 -22.11 -8.10
C VAL A 231 -19.41 -21.39 -6.76
N VAL A 232 -20.49 -20.84 -6.22
CA VAL A 232 -20.46 -20.10 -4.95
C VAL A 232 -21.49 -20.67 -3.98
N SER A 233 -21.04 -21.08 -2.79
CA SER A 233 -21.95 -21.59 -1.77
C SER A 233 -22.46 -20.46 -0.89
N GLU A 234 -23.61 -20.67 -0.26
CA GLU A 234 -24.20 -19.69 0.64
C GLU A 234 -23.41 -19.54 1.93
N THR A 235 -22.85 -20.64 2.40
CA THR A 235 -22.31 -20.70 3.75
C THR A 235 -20.78 -20.79 3.79
N GLY A 236 -20.16 -21.01 2.63
CA GLY A 236 -18.69 -21.15 2.58
C GLY A 236 -17.96 -19.85 2.28
N PRO A 237 -16.62 -19.86 2.43
CA PRO A 237 -15.81 -18.71 2.02
C PRO A 237 -15.98 -18.46 0.52
N ILE A 238 -15.86 -17.20 0.11
CA ILE A 238 -15.98 -16.84 -1.30
C ILE A 238 -14.74 -17.30 -2.07
N PRO A 239 -14.95 -18.02 -3.21
CA PRO A 239 -13.84 -18.37 -4.10
C PRO A 239 -13.22 -17.08 -4.63
N MET A 240 -11.94 -16.88 -4.35
CA MET A 240 -11.31 -15.56 -4.48
C MET A 240 -11.08 -15.09 -5.91
N HIS A 241 -11.04 -16.03 -6.85
CA HIS A 241 -10.82 -15.71 -8.27
C HIS A 241 -12.00 -14.99 -8.92
N LEU A 242 -13.12 -14.92 -8.20
CA LEU A 242 -14.33 -14.26 -8.70
C LEU A 242 -14.45 -12.81 -8.24
N LEU A 243 -13.42 -12.33 -7.52
CA LEU A 243 -13.53 -11.03 -6.86
C LEU A 243 -12.85 -9.88 -7.60
N GLY A 244 -12.38 -10.17 -8.82
CA GLY A 244 -11.87 -9.11 -9.72
C GLY A 244 -10.44 -8.67 -9.47
N ASN A 245 -9.75 -9.36 -8.57
CA ASN A 245 -8.40 -8.99 -8.18
C ASN A 245 -7.62 -10.25 -7.81
N MET A 246 -6.37 -10.32 -8.27
CA MET A 246 -5.54 -11.52 -8.09
C MET A 246 -5.39 -11.96 -6.63
N TRP A 247 -5.45 -10.99 -5.71
CA TRP A 247 -5.25 -11.27 -4.28
C TRP A 247 -6.53 -11.01 -3.47
N ALA A 248 -7.61 -10.72 -4.19
CA ALA A 248 -8.91 -10.35 -3.61
C ALA A 248 -8.81 -9.20 -2.60
N GLN A 249 -7.87 -8.29 -2.82
CA GLN A 249 -7.61 -7.23 -1.85
C GLN A 249 -8.61 -6.08 -1.96
N GLN A 250 -9.15 -5.90 -3.17
CA GLN A 250 -10.18 -4.91 -3.45
C GLN A 250 -11.13 -5.49 -4.49
N TRP A 251 -12.43 -5.28 -4.32
CA TRP A 251 -13.41 -5.97 -5.18
C TRP A 251 -14.11 -5.05 -6.17
N SER A 252 -13.61 -3.84 -6.35
CA SER A 252 -14.33 -2.83 -7.15
C SER A 252 -14.55 -3.24 -8.61
N GLU A 253 -13.72 -4.15 -9.13
CA GLU A 253 -13.84 -4.60 -10.51
C GLU A 253 -15.12 -5.42 -10.78
N ILE A 254 -15.77 -5.92 -9.73
CA ILE A 254 -17.02 -6.68 -9.90
C ILE A 254 -18.25 -5.88 -9.47
N ALA A 255 -18.08 -4.57 -9.31
CA ALA A 255 -19.18 -3.69 -8.91
C ALA A 255 -20.38 -3.77 -9.86
N ASP A 256 -20.13 -3.96 -11.15
CA ASP A 256 -21.21 -4.02 -12.15
C ASP A 256 -22.15 -5.22 -11.95
N ILE A 257 -21.68 -6.25 -11.23
CA ILE A 257 -22.53 -7.41 -10.94
C ILE A 257 -23.01 -7.51 -9.48
N VAL A 258 -22.46 -6.70 -8.59
CA VAL A 258 -22.85 -6.72 -7.17
C VAL A 258 -23.44 -5.40 -6.62
N SER A 259 -23.59 -4.40 -7.49
CA SER A 259 -24.04 -3.07 -7.04
C SER A 259 -25.48 -3.12 -6.54
N PRO A 260 -25.75 -2.44 -5.41
CA PRO A 260 -27.07 -2.41 -4.77
C PRO A 260 -28.21 -2.08 -5.74
N PHE A 261 -28.01 -1.09 -6.60
CA PHE A 261 -29.05 -0.65 -7.53
C PHE A 261 -28.54 -0.66 -8.98
N PRO A 262 -28.67 -1.82 -9.65
CA PRO A 262 -28.15 -2.01 -11.02
C PRO A 262 -28.81 -1.14 -12.09
N GLU A 263 -29.98 -0.58 -11.78
CA GLU A 263 -30.69 0.29 -12.74
C GLU A 263 -30.30 1.75 -12.57
N LYS A 264 -29.58 2.05 -11.50
CA LYS A 264 -29.10 3.40 -11.22
C LYS A 264 -27.60 3.49 -11.53
N PRO A 265 -27.09 4.72 -11.76
CA PRO A 265 -25.70 4.89 -12.21
C PRO A 265 -24.65 4.32 -11.27
N LEU A 266 -23.62 3.74 -11.87
CA LEU A 266 -22.44 3.27 -11.17
C LEU A 266 -21.25 3.93 -11.85
N VAL A 267 -20.44 4.65 -11.07
CA VAL A 267 -19.34 5.43 -11.64
C VAL A 267 -18.22 4.53 -12.14
N ASP A 268 -17.97 4.61 -13.44
CA ASP A 268 -16.86 3.91 -14.10
C ASP A 268 -16.41 4.76 -15.28
N VAL A 269 -15.40 5.59 -15.05
CA VAL A 269 -15.00 6.62 -16.03
C VAL A 269 -13.94 6.18 -17.05
N SER A 270 -13.54 4.92 -17.02
CA SER A 270 -12.51 4.39 -17.92
C SER A 270 -12.83 4.65 -19.40
N ALA A 271 -14.07 4.34 -19.79
CA ALA A 271 -14.54 4.51 -21.16
C ALA A 271 -14.46 5.97 -21.63
N GLU A 272 -14.89 6.90 -20.78
CA GLU A 272 -14.83 8.32 -21.09
C GLU A 272 -13.40 8.85 -21.18
N MET A 273 -12.53 8.36 -20.30
CA MET A 273 -11.11 8.70 -20.33
C MET A 273 -10.52 8.35 -21.70
N GLU A 274 -10.84 7.14 -22.18
CA GLU A 274 -10.38 6.67 -23.48
C GLU A 274 -11.01 7.45 -24.64
N LYS A 275 -12.31 7.75 -24.51
CA LYS A 275 -13.03 8.53 -25.52
C LYS A 275 -12.43 9.93 -25.68
N GLN A 276 -12.09 10.55 -24.55
CA GLN A 276 -11.51 11.91 -24.54
C GLN A 276 -10.00 11.93 -24.81
N GLY A 277 -9.42 10.78 -25.13
CA GLY A 277 -8.02 10.69 -25.53
C GLY A 277 -6.99 10.92 -24.43
N TYR A 278 -7.36 10.56 -23.21
CA TYR A 278 -6.44 10.62 -22.07
C TYR A 278 -5.20 9.77 -22.33
N THR A 279 -4.06 10.26 -21.86
CA THR A 279 -2.79 9.56 -21.94
C THR A 279 -2.22 9.46 -20.52
N PRO A 280 -1.24 8.56 -20.29
CA PRO A 280 -0.53 8.59 -19.02
C PRO A 280 -0.01 9.98 -18.65
N LEU A 281 0.58 10.70 -19.62
CA LEU A 281 1.08 12.06 -19.36
C LEU A 281 -0.02 12.99 -18.83
N LYS A 282 -1.19 12.96 -19.48
CA LYS A 282 -2.33 13.77 -19.06
C LYS A 282 -2.79 13.44 -17.62
N MET A 283 -2.80 12.17 -17.29
CA MET A 283 -3.19 11.70 -15.96
C MET A 283 -2.25 12.23 -14.88
N PHE A 284 -0.94 12.23 -15.15
CA PHE A 284 0.03 12.78 -14.22
C PHE A 284 -0.03 14.30 -14.14
N GLN A 285 -0.29 14.95 -15.27
CA GLN A 285 -0.46 16.41 -15.30
C GLN A 285 -1.69 16.83 -14.50
N MET A 286 -2.75 16.02 -14.56
CA MET A 286 -3.97 16.27 -13.79
C MET A 286 -3.76 16.10 -12.29
N GLY A 287 -2.94 15.10 -11.92
CA GLY A 287 -2.56 14.90 -10.53
C GLY A 287 -1.77 16.09 -10.03
N ASP A 288 -0.80 16.52 -10.82
CA ASP A 288 0.01 17.71 -10.52
C ASP A 288 -0.89 18.91 -10.27
N ASP A 289 -1.86 19.12 -11.17
CA ASP A 289 -2.86 20.18 -11.07
C ASP A 289 -3.65 20.15 -9.75
N PHE A 290 -4.03 18.96 -9.30
CA PHE A 290 -4.77 18.82 -8.05
C PHE A 290 -3.94 19.34 -6.88
N PHE A 291 -2.69 18.91 -6.79
CA PHE A 291 -1.80 19.34 -5.71
C PHE A 291 -1.55 20.85 -5.75
N THR A 292 -1.23 21.40 -6.92
CA THR A 292 -0.97 22.84 -7.04
C THR A 292 -2.23 23.65 -6.76
N SER A 293 -3.39 23.08 -7.07
CA SER A 293 -4.68 23.75 -6.83
C SER A 293 -4.92 23.95 -5.34
N MET A 294 -4.28 23.12 -4.51
CA MET A 294 -4.40 23.19 -3.06
C MET A 294 -3.27 24.01 -2.46
N ASN A 295 -2.53 24.72 -3.32
CA ASN A 295 -1.38 25.53 -2.90
C ASN A 295 -0.22 24.67 -2.41
N LEU A 296 -0.11 23.46 -2.93
CA LEU A 296 1.01 22.57 -2.64
C LEU A 296 2.01 22.61 -3.79
N THR A 297 3.09 21.83 -3.66
CA THR A 297 4.25 21.98 -4.54
C THR A 297 4.09 21.31 -5.91
N LYS A 298 4.39 22.09 -6.95
CA LYS A 298 4.40 21.64 -8.33
C LYS A 298 5.52 20.63 -8.57
N LEU A 299 5.26 19.65 -9.43
CA LEU A 299 6.30 18.68 -9.79
C LEU A 299 7.47 19.37 -10.49
N PRO A 300 8.71 19.07 -10.05
CA PRO A 300 9.89 19.70 -10.63
C PRO A 300 10.23 19.08 -11.99
N GLN A 301 11.07 19.78 -12.75
CA GLN A 301 11.45 19.34 -14.09
C GLN A 301 12.10 17.96 -14.13
N ASP A 302 12.91 17.65 -13.11
CA ASP A 302 13.52 16.32 -12.99
C ASP A 302 12.49 15.20 -13.01
N PHE A 303 11.35 15.41 -12.36
CA PHE A 303 10.28 14.43 -12.35
C PHE A 303 9.85 14.08 -13.78
N TRP A 304 9.54 15.11 -14.57
CA TRP A 304 9.09 14.90 -15.95
C TRP A 304 10.19 14.30 -16.82
N ASP A 305 11.43 14.76 -16.64
CA ASP A 305 12.58 14.28 -17.42
C ASP A 305 12.94 12.83 -17.14
N LYS A 306 12.80 12.40 -15.89
CA LYS A 306 13.39 11.14 -15.45
C LYS A 306 12.40 10.01 -15.10
N SER A 307 11.14 10.36 -14.87
CA SER A 307 10.13 9.36 -14.55
C SER A 307 9.85 8.42 -15.71
N ILE A 308 9.37 7.22 -15.39
CA ILE A 308 8.88 6.28 -16.39
C ILE A 308 7.39 6.10 -16.12
N ILE A 309 6.56 6.61 -17.04
CA ILE A 309 5.11 6.62 -16.83
C ILE A 309 4.34 5.73 -17.81
N GLU A 310 5.06 4.98 -18.63
CA GLU A 310 4.46 3.98 -19.52
C GLU A 310 5.37 2.77 -19.56
N LYS A 311 4.78 1.58 -19.74
CA LYS A 311 5.56 0.36 -19.87
C LYS A 311 6.44 0.46 -21.12
N PRO A 312 7.77 0.26 -20.97
CA PRO A 312 8.69 0.25 -22.11
C PRO A 312 8.27 -0.77 -23.15
N THR A 313 8.50 -0.44 -24.43
CA THR A 313 8.06 -1.28 -25.54
C THR A 313 9.14 -2.23 -26.08
N ASP A 314 10.37 -2.10 -25.57
CA ASP A 314 11.43 -3.05 -25.90
C ASP A 314 11.23 -4.38 -25.16
N GLY A 315 12.15 -5.32 -25.33
CA GLY A 315 11.97 -6.66 -24.76
C GLY A 315 12.28 -6.79 -23.29
N ARG A 316 12.71 -5.70 -22.66
CA ARG A 316 13.34 -5.75 -21.33
C ARG A 316 12.42 -6.17 -20.20
N ASP A 317 13.03 -6.76 -19.17
CA ASP A 317 12.35 -7.08 -17.93
C ASP A 317 12.48 -5.91 -16.97
N LEU A 318 11.41 -5.64 -16.23
CA LEU A 318 11.39 -4.56 -15.24
C LEU A 318 10.36 -4.86 -14.15
N VAL A 319 10.40 -4.07 -13.08
CA VAL A 319 9.37 -4.12 -12.06
C VAL A 319 8.28 -3.12 -12.45
N CYS A 320 7.13 -3.62 -12.89
CA CYS A 320 6.02 -2.75 -13.28
C CYS A 320 5.16 -2.31 -12.10
N HIS A 321 5.30 -2.97 -10.95
CA HIS A 321 4.55 -2.54 -9.77
C HIS A 321 4.90 -1.09 -9.45
N ALA A 322 3.87 -0.23 -9.45
CA ALA A 322 4.03 1.22 -9.37
C ALA A 322 4.76 1.66 -8.10
N SER A 323 5.65 2.64 -8.23
CA SER A 323 6.46 3.10 -7.10
C SER A 323 6.91 4.56 -7.28
N ALA A 324 7.18 5.22 -6.16
CA ALA A 324 7.65 6.60 -6.14
C ALA A 324 9.00 6.65 -5.43
N TRP A 325 9.91 7.48 -5.94
CA TRP A 325 11.30 7.43 -5.54
C TRP A 325 11.84 8.81 -5.14
N ASP A 326 12.53 8.84 -4.00
CA ASP A 326 13.21 10.03 -3.51
C ASP A 326 14.71 9.78 -3.69
N PHE A 327 15.42 10.73 -4.30
CA PHE A 327 16.85 10.56 -4.54
C PHE A 327 17.72 11.38 -3.60
N TYR A 328 17.07 12.06 -2.66
CA TYR A 328 17.71 12.71 -1.51
C TYR A 328 18.65 13.86 -1.83
N LEU A 329 18.43 14.50 -2.98
CA LEU A 329 19.13 15.73 -3.31
C LEU A 329 18.12 16.88 -3.18
N THR A 330 18.03 17.72 -4.20
CA THR A 330 16.98 18.71 -4.28
C THR A 330 16.19 18.46 -5.57
N ASP A 331 14.87 18.25 -5.43
CA ASP A 331 13.94 18.15 -6.56
C ASP A 331 14.15 16.95 -7.48
N ASP A 332 15.00 16.01 -7.08
CA ASP A 332 15.13 14.78 -7.86
C ASP A 332 14.22 13.73 -7.25
N VAL A 333 13.00 13.69 -7.76
CA VAL A 333 11.99 12.72 -7.37
C VAL A 333 11.38 12.13 -8.64
N ARG A 334 10.99 10.85 -8.60
CA ARG A 334 10.56 10.12 -9.80
C ARG A 334 9.50 9.10 -9.49
N ILE A 335 8.64 8.83 -10.48
CA ILE A 335 7.71 7.71 -10.42
C ILE A 335 8.05 6.72 -11.53
N LYS A 336 7.90 5.44 -11.23
CA LYS A 336 7.94 4.39 -12.24
C LYS A 336 6.60 3.66 -12.21
N GLN A 337 5.79 3.88 -13.23
CA GLN A 337 4.46 3.27 -13.31
C GLN A 337 4.17 2.83 -14.75
N CYS A 338 3.68 1.60 -14.88
CA CYS A 338 3.27 1.08 -16.19
C CYS A 338 1.81 1.49 -16.42
N THR A 339 1.62 2.80 -16.61
CA THR A 339 0.31 3.45 -16.55
C THR A 339 -0.64 3.01 -17.67
N ARG A 340 -1.86 2.67 -17.28
CA ARG A 340 -2.94 2.40 -18.22
C ARG A 340 -4.03 3.45 -18.00
N VAL A 341 -4.84 3.68 -19.03
CA VAL A 341 -5.88 4.70 -18.97
C VAL A 341 -7.18 4.09 -18.40
N THR A 342 -7.24 3.96 -17.08
CA THR A 342 -8.43 3.47 -16.38
C THR A 342 -8.70 4.34 -15.14
N GLN A 343 -9.91 4.22 -14.61
CA GLN A 343 -10.28 4.90 -13.36
C GLN A 343 -9.38 4.46 -12.20
N ASP A 344 -9.21 3.14 -12.06
CA ASP A 344 -8.37 2.57 -11.00
C ASP A 344 -6.95 3.13 -11.06
N GLN A 345 -6.42 3.23 -12.28
CA GLN A 345 -5.09 3.77 -12.51
C GLN A 345 -4.97 5.27 -12.21
N LEU A 346 -6.07 6.01 -12.42
CA LEU A 346 -6.10 7.42 -12.05
C LEU A 346 -5.90 7.58 -10.54
N PHE A 347 -6.45 6.63 -9.77
CA PHE A 347 -6.23 6.60 -8.32
C PHE A 347 -4.80 6.22 -7.96
N THR A 348 -4.23 5.24 -8.66
CA THR A 348 -2.83 4.85 -8.47
C THR A 348 -1.88 6.02 -8.74
N VAL A 349 -2.15 6.78 -9.81
CA VAL A 349 -1.36 7.98 -10.11
C VAL A 349 -1.36 8.96 -8.93
N HIS A 350 -2.55 9.22 -8.38
CA HIS A 350 -2.68 10.12 -7.24
C HIS A 350 -2.03 9.57 -5.98
N HIS A 351 -2.12 8.25 -5.78
CA HIS A 351 -1.42 7.59 -4.66
C HIS A 351 0.09 7.86 -4.73
N GLU A 352 0.68 7.60 -5.89
CA GLU A 352 2.11 7.76 -6.09
C GLU A 352 2.55 9.21 -6.00
N LEU A 353 1.72 10.12 -6.51
CA LEU A 353 2.02 11.56 -6.43
C LEU A 353 1.93 12.08 -5.00
N GLY A 354 1.15 11.39 -4.16
CA GLY A 354 1.11 11.68 -2.73
C GLY A 354 2.47 11.45 -2.08
N HIS A 355 3.12 10.35 -2.44
CA HIS A 355 4.49 10.06 -2.01
C HIS A 355 5.45 11.15 -2.48
N ILE A 356 5.36 11.53 -3.76
CA ILE A 356 6.21 12.54 -4.34
C ILE A 356 6.08 13.87 -3.58
N GLN A 357 4.84 14.27 -3.31
CA GLN A 357 4.57 15.50 -2.58
C GLN A 357 5.21 15.49 -1.19
N TYR A 358 5.11 14.35 -0.50
CA TYR A 358 5.73 14.18 0.82
C TYR A 358 7.24 14.39 0.70
N PHE A 359 7.87 13.78 -0.31
CA PHE A 359 9.32 13.96 -0.55
C PHE A 359 9.69 15.43 -0.69
N LEU A 360 8.89 16.16 -1.47
CA LEU A 360 9.15 17.58 -1.74
C LEU A 360 8.94 18.44 -0.49
N GLN A 361 7.93 18.10 0.31
CA GLN A 361 7.59 18.84 1.51
C GLN A 361 8.65 18.78 2.60
N TYR A 362 9.33 17.64 2.70
CA TYR A 362 10.33 17.45 3.75
C TYR A 362 11.79 17.42 3.31
N GLN A 363 12.06 17.74 2.04
CA GLN A 363 13.42 17.65 1.51
C GLN A 363 14.43 18.62 2.15
N HIS A 364 13.93 19.63 2.86
CA HIS A 364 14.78 20.58 3.59
C HIS A 364 15.19 20.06 4.97
N GLN A 365 14.57 18.97 5.40
CA GLN A 365 14.88 18.35 6.70
C GLN A 365 16.23 17.64 6.65
N PRO A 366 16.89 17.47 7.81
CA PRO A 366 18.09 16.62 7.81
C PRO A 366 17.73 15.21 7.33
N PHE A 367 18.70 14.53 6.72
CA PHE A 367 18.47 13.23 6.10
C PHE A 367 17.63 12.25 6.92
N VAL A 368 17.95 12.10 8.20
CA VAL A 368 17.26 11.12 9.06
C VAL A 368 15.77 11.43 9.22
N TYR A 369 15.39 12.68 8.99
CA TYR A 369 13.99 13.10 9.09
C TYR A 369 13.27 13.10 7.73
N ARG A 370 13.97 12.72 6.67
CA ARG A 370 13.40 12.71 5.32
C ARG A 370 12.67 11.40 5.04
N THR A 371 11.61 11.17 5.79
CA THR A 371 10.71 10.03 5.64
C THR A 371 9.40 10.39 6.32
N GLY A 372 8.39 9.51 6.24
CA GLY A 372 7.07 9.81 6.80
C GLY A 372 7.07 9.82 8.31
N ALA A 373 6.10 10.54 8.89
CA ALA A 373 5.91 10.58 10.35
C ALA A 373 5.79 9.16 10.91
N ASN A 374 5.04 8.32 10.20
CA ASN A 374 5.17 6.86 10.28
C ASN A 374 4.85 6.28 8.88
N PRO A 375 5.15 4.99 8.64
CA PRO A 375 4.93 4.48 7.28
C PRO A 375 3.49 4.66 6.76
N GLY A 376 2.51 4.63 7.66
CA GLY A 376 1.11 4.85 7.30
C GLY A 376 0.81 6.25 6.78
N PHE A 377 1.48 7.26 7.34
CA PHE A 377 1.32 8.64 6.88
C PHE A 377 1.68 8.77 5.40
N HIS A 378 2.79 8.14 5.00
CA HIS A 378 3.27 8.23 3.63
C HIS A 378 2.26 7.65 2.65
N GLU A 379 1.65 6.53 3.04
CA GLU A 379 0.67 5.84 2.20
C GLU A 379 -0.66 6.58 2.11
N ALA A 380 -0.96 7.40 3.11
CA ALA A 380 -2.27 8.05 3.20
C ALA A 380 -2.44 9.28 2.30
N VAL A 381 -1.35 10.00 2.05
CA VAL A 381 -1.41 11.32 1.41
C VAL A 381 -2.17 11.29 0.08
N GLY A 382 -1.70 10.47 -0.85
CA GLY A 382 -2.28 10.38 -2.19
C GLY A 382 -3.71 9.87 -2.19
N ASP A 383 -4.01 8.98 -1.23
CA ASP A 383 -5.35 8.39 -1.11
C ASP A 383 -6.41 9.40 -0.66
N VAL A 384 -5.99 10.38 0.13
CA VAL A 384 -6.87 11.49 0.53
C VAL A 384 -7.36 12.24 -0.72
N LEU A 385 -6.44 12.50 -1.65
CA LEU A 385 -6.83 13.15 -2.90
C LEU A 385 -7.66 12.22 -3.78
N SER A 386 -7.30 10.93 -3.78
CA SER A 386 -8.06 9.92 -4.52
C SER A 386 -9.51 9.80 -4.07
N LEU A 387 -9.75 9.95 -2.76
CA LEU A 387 -11.11 9.96 -2.24
C LEU A 387 -11.91 11.12 -2.84
N SER A 388 -11.23 12.25 -3.03
CA SER A 388 -11.83 13.44 -3.62
C SER A 388 -12.05 13.28 -5.12
N VAL A 389 -11.03 12.80 -5.82
CA VAL A 389 -11.09 12.55 -7.27
C VAL A 389 -12.23 11.58 -7.61
N SER A 390 -12.48 10.62 -6.72
CA SER A 390 -13.46 9.55 -6.94
C SER A 390 -14.92 10.00 -6.82
N THR A 391 -15.16 11.17 -6.22
CA THR A 391 -16.52 11.67 -6.00
C THR A 391 -17.19 12.05 -7.31
N PRO A 392 -18.49 11.78 -7.42
CA PRO A 392 -19.26 12.29 -8.55
C PRO A 392 -19.08 13.81 -8.70
N LYS A 393 -18.96 14.53 -7.59
CA LYS A 393 -18.73 15.98 -7.62
C LYS A 393 -17.51 16.34 -8.47
N HIS A 394 -16.37 15.74 -8.16
CA HIS A 394 -15.15 16.04 -8.90
C HIS A 394 -15.19 15.53 -10.33
N LEU A 395 -15.66 14.30 -10.52
CA LEU A 395 -15.64 13.66 -11.83
C LEU A 395 -16.53 14.38 -12.85
N GLU A 396 -17.61 14.99 -12.37
CA GLU A 396 -18.45 15.85 -13.21
C GLU A 396 -17.74 17.16 -13.60
N LYS A 397 -16.99 17.73 -12.66
CA LYS A 397 -16.20 18.95 -12.93
C LYS A 397 -15.21 18.75 -14.09
N ILE A 398 -14.56 17.58 -14.13
CA ILE A 398 -13.55 17.31 -15.15
C ILE A 398 -14.09 16.63 -16.40
N GLY A 399 -15.43 16.56 -16.49
CA GLY A 399 -16.10 16.04 -17.68
C GLY A 399 -15.99 14.55 -17.92
N LEU A 400 -15.65 13.80 -16.87
CA LEU A 400 -15.52 12.34 -16.99
C LEU A 400 -16.80 11.60 -16.64
N LEU A 401 -17.69 12.26 -15.90
CA LEU A 401 -18.98 11.68 -15.51
C LEU A 401 -20.11 12.54 -16.07
N LYS A 402 -20.91 11.95 -16.95
CA LYS A 402 -21.95 12.70 -17.67
C LYS A 402 -23.35 12.17 -17.35
N ASP A 403 -24.33 13.07 -17.36
CA ASP A 403 -25.75 12.75 -17.14
C ASP A 403 -26.01 11.98 -15.84
N TYR A 404 -25.31 12.38 -14.77
CA TYR A 404 -25.40 11.71 -13.48
C TYR A 404 -26.43 12.39 -12.59
N VAL A 405 -27.38 11.60 -12.08
CA VAL A 405 -28.35 12.10 -11.11
C VAL A 405 -28.04 11.46 -9.77
N ARG A 406 -27.72 12.30 -8.78
CA ARG A 406 -27.30 11.84 -7.47
C ARG A 406 -28.48 11.69 -6.51
N ASP A 407 -29.34 10.71 -6.76
CA ASP A 407 -30.42 10.38 -5.83
C ASP A 407 -29.91 9.44 -4.74
N ASP A 408 -30.82 9.03 -3.84
CA ASP A 408 -30.49 8.13 -2.73
C ASP A 408 -29.86 6.81 -3.17
N GLU A 409 -30.36 6.28 -4.28
CA GLU A 409 -29.92 4.97 -4.77
C GLU A 409 -28.55 5.05 -5.46
N ALA A 410 -28.32 6.13 -6.21
CA ALA A 410 -27.02 6.39 -6.80
C ALA A 410 -25.96 6.60 -5.71
N ARG A 411 -26.34 7.25 -4.61
CA ARG A 411 -25.44 7.46 -3.48
C ARG A 411 -25.02 6.15 -2.81
N ILE A 412 -25.97 5.25 -2.61
CA ILE A 412 -25.69 3.92 -2.06
C ILE A 412 -24.74 3.15 -2.98
N ASN A 413 -24.99 3.19 -4.28
CA ASN A 413 -24.11 2.58 -5.27
C ASN A 413 -22.67 3.08 -5.14
N GLN A 414 -22.51 4.39 -4.98
CA GLN A 414 -21.19 5.03 -4.88
C GLN A 414 -20.49 4.69 -3.57
N LEU A 415 -21.24 4.72 -2.46
CA LEU A 415 -20.72 4.30 -1.16
C LEU A 415 -20.27 2.85 -1.17
N PHE A 416 -21.09 1.98 -1.77
CA PHE A 416 -20.78 0.56 -1.87
C PHE A 416 -19.52 0.35 -2.71
N LEU A 417 -19.42 1.06 -3.82
CA LEU A 417 -18.25 1.00 -4.67
C LEU A 417 -17.00 1.38 -3.89
N THR A 418 -17.08 2.47 -3.13
CA THR A 418 -15.95 2.92 -2.31
C THR A 418 -15.57 1.86 -1.26
N ALA A 419 -16.58 1.27 -0.63
CA ALA A 419 -16.37 0.24 0.39
C ALA A 419 -15.71 -1.03 -0.18
N LEU A 420 -16.03 -1.36 -1.43
CA LEU A 420 -15.43 -2.51 -2.10
C LEU A 420 -13.91 -2.34 -2.22
N ASP A 421 -13.46 -1.09 -2.16
CA ASP A 421 -12.03 -0.76 -2.13
C ASP A 421 -11.51 -0.54 -0.71
N LYS A 422 -12.27 0.19 0.11
CA LYS A 422 -11.73 0.69 1.39
C LYS A 422 -11.97 -0.20 2.61
N ILE A 423 -13.15 -0.81 2.69
CA ILE A 423 -13.45 -1.70 3.82
C ILE A 423 -12.91 -3.11 3.57
N VAL A 424 -13.16 -3.61 2.37
CA VAL A 424 -12.70 -4.94 1.95
C VAL A 424 -11.19 -5.12 2.17
N PHE A 425 -10.45 -4.05 1.94
CA PHE A 425 -8.99 -4.05 2.05
C PHE A 425 -8.48 -4.26 3.47
N LEU A 426 -9.26 -3.82 4.46
CA LEU A 426 -8.78 -3.83 5.85
C LEU A 426 -8.39 -5.21 6.38
N PRO A 427 -9.27 -6.23 6.28
CA PRO A 427 -8.81 -7.54 6.72
C PRO A 427 -7.65 -8.07 5.87
N PHE A 428 -7.68 -7.80 4.56
CA PHE A 428 -6.57 -8.22 3.70
C PHE A 428 -5.24 -7.68 4.21
N ALA A 429 -5.19 -6.37 4.43
CA ALA A 429 -3.94 -5.72 4.83
C ALA A 429 -3.44 -6.24 6.17
N PHE A 430 -4.36 -6.45 7.11
CA PHE A 430 -4.00 -6.98 8.43
C PHE A 430 -3.35 -8.36 8.31
N THR A 431 -3.91 -9.25 7.47
CA THR A 431 -3.40 -10.61 7.32
C THR A 431 -2.00 -10.69 6.70
N MET A 432 -1.68 -9.75 5.81
CA MET A 432 -0.37 -9.72 5.17
C MET A 432 0.73 -9.66 6.22
N ASP A 433 0.57 -8.79 7.20
CA ASP A 433 1.57 -8.69 8.28
C ASP A 433 1.35 -9.65 9.44
N LYS A 434 0.10 -9.98 9.76
CA LYS A 434 -0.13 -11.06 10.74
C LYS A 434 0.57 -12.35 10.32
N TYR A 435 0.52 -12.65 9.02
CA TYR A 435 1.19 -13.85 8.49
C TYR A 435 2.70 -13.77 8.67
N ARG A 436 3.30 -12.71 8.13
CA ARG A 436 4.75 -12.55 8.22
C ARG A 436 5.24 -12.40 9.65
N TRP A 437 4.48 -11.70 10.49
CA TRP A 437 4.81 -11.59 11.92
C TRP A 437 4.90 -12.96 12.56
N SER A 438 3.93 -13.82 12.27
CA SER A 438 3.90 -15.16 12.86
C SER A 438 5.11 -16.01 12.39
N LEU A 439 5.55 -15.80 11.15
CA LEU A 439 6.76 -16.48 10.66
C LEU A 439 8.02 -15.92 11.32
N PHE A 440 8.13 -14.58 11.33
CA PHE A 440 9.26 -13.89 11.97
C PHE A 440 9.44 -14.28 13.44
N ARG A 441 8.32 -14.38 14.16
CA ARG A 441 8.30 -14.68 15.58
C ARG A 441 8.52 -16.17 15.88
N GLY A 442 8.57 -16.98 14.82
CA GLY A 442 8.78 -18.43 14.94
C GLY A 442 7.58 -19.14 15.53
N GLU A 443 6.39 -18.63 15.24
CA GLU A 443 5.15 -19.16 15.80
C GLU A 443 4.53 -20.27 14.94
N VAL A 444 5.02 -20.42 13.71
CA VAL A 444 4.54 -21.43 12.78
C VAL A 444 5.72 -22.31 12.34
N ASP A 445 5.57 -23.62 12.48
CA ASP A 445 6.56 -24.58 11.97
C ASP A 445 6.60 -24.54 10.44
N LYS A 446 7.80 -24.70 9.87
CA LYS A 446 8.00 -24.68 8.42
C LYS A 446 7.06 -25.60 7.66
N ALA A 447 6.74 -26.75 8.27
CA ALA A 447 5.80 -27.71 7.71
C ALA A 447 4.39 -27.17 7.51
N ASN A 448 4.08 -26.06 8.18
CA ASN A 448 2.71 -25.52 8.18
C ASN A 448 2.58 -24.12 7.59
N TRP A 449 3.63 -23.65 6.92
CA TRP A 449 3.71 -22.27 6.44
C TRP A 449 2.64 -21.87 5.43
N ASN A 450 2.33 -22.74 4.47
CA ASN A 450 1.34 -22.37 3.46
C ASN A 450 -0.09 -22.39 3.97
N CYS A 451 -0.46 -23.41 4.73
CA CYS A 451 -1.81 -23.46 5.25
C CYS A 451 -2.03 -22.40 6.33
N ALA A 452 -0.96 -22.00 7.02
CA ALA A 452 -1.01 -20.85 7.92
C ALA A 452 -1.40 -19.56 7.20
N PHE A 453 -0.96 -19.39 5.96
CA PHE A 453 -1.34 -18.24 5.13
C PHE A 453 -2.84 -18.28 4.82
N TRP A 454 -3.29 -19.39 4.26
CA TRP A 454 -4.70 -19.51 3.87
C TRP A 454 -5.66 -19.52 5.06
N LYS A 455 -5.20 -20.03 6.20
CA LYS A 455 -5.98 -19.97 7.44
C LYS A 455 -6.32 -18.53 7.84
N LEU A 456 -5.35 -17.62 7.74
CA LEU A 456 -5.57 -16.22 8.05
C LEU A 456 -6.50 -15.55 7.04
N ARG A 457 -6.25 -15.81 5.75
CA ARG A 457 -7.10 -15.28 4.69
C ARG A 457 -8.56 -15.71 4.88
N ASP A 458 -8.75 -16.95 5.32
CA ASP A 458 -10.07 -17.50 5.67
C ASP A 458 -10.63 -16.78 6.91
N GLU A 459 -9.90 -16.83 8.02
CA GLU A 459 -10.38 -16.27 9.30
C GLU A 459 -10.78 -14.79 9.20
N TYR A 460 -9.96 -13.99 8.53
CA TYR A 460 -10.20 -12.55 8.50
C TYR A 460 -11.02 -12.05 7.32
N SER A 461 -10.76 -12.57 6.12
CA SER A 461 -11.41 -12.09 4.90
C SER A 461 -12.56 -12.96 4.39
N GLY A 462 -12.60 -14.23 4.80
CA GLY A 462 -13.66 -15.14 4.34
C GLY A 462 -13.55 -15.44 2.86
N ILE A 463 -12.32 -15.56 2.38
CA ILE A 463 -12.04 -15.93 1.00
C ILE A 463 -11.15 -17.19 0.99
N GLU A 464 -11.11 -17.88 -0.14
CA GLU A 464 -10.30 -19.09 -0.28
C GLU A 464 -9.82 -19.25 -1.72
N PRO A 465 -8.74 -20.04 -1.94
CA PRO A 465 -8.29 -20.34 -3.30
C PRO A 465 -9.37 -21.05 -4.11
N PRO A 466 -9.30 -20.91 -5.45
CA PRO A 466 -10.26 -21.54 -6.36
C PRO A 466 -10.06 -23.04 -6.47
N VAL A 467 -8.84 -23.50 -6.14
CA VAL A 467 -8.47 -24.90 -6.20
C VAL A 467 -7.84 -25.30 -4.87
N VAL A 468 -7.82 -26.61 -4.60
CA VAL A 468 -7.19 -27.14 -3.39
C VAL A 468 -5.67 -26.92 -3.42
N ARG A 469 -5.16 -26.28 -2.37
CA ARG A 469 -3.73 -26.09 -2.18
C ARG A 469 -3.25 -26.96 -1.03
N SER A 470 -1.93 -27.08 -0.90
CA SER A 470 -1.33 -27.87 0.17
C SER A 470 0.01 -27.27 0.52
N GLU A 471 0.76 -27.96 1.37
CA GLU A 471 2.11 -27.53 1.74
C GLU A 471 3.12 -27.77 0.62
N LYS A 472 2.67 -28.36 -0.48
CA LYS A 472 3.50 -28.47 -1.69
C LYS A 472 3.52 -27.14 -2.45
N ASP A 473 2.52 -26.30 -2.21
CA ASP A 473 2.47 -24.96 -2.77
C ASP A 473 2.99 -23.96 -1.74
N PHE A 474 3.33 -22.76 -2.19
CA PHE A 474 3.70 -21.68 -1.29
C PHE A 474 3.23 -20.36 -1.88
N ASP A 475 2.10 -19.88 -1.37
CA ASP A 475 1.33 -18.87 -2.09
C ASP A 475 1.56 -17.42 -1.71
N ALA A 476 2.08 -17.19 -0.50
CA ALA A 476 2.29 -15.83 0.01
C ALA A 476 3.09 -14.90 -0.91
N PRO A 477 4.25 -15.36 -1.44
CA PRO A 477 5.07 -14.49 -2.30
C PRO A 477 4.44 -14.11 -3.64
N ALA A 478 3.28 -14.68 -3.96
CA ALA A 478 2.54 -14.25 -5.15
C ALA A 478 2.03 -12.81 -5.03
N LYS A 479 2.11 -12.26 -3.82
CA LYS A 479 1.80 -10.84 -3.59
C LYS A 479 3.12 -10.06 -3.61
N TYR A 480 3.16 -9.00 -4.43
CA TYR A 480 4.40 -8.23 -4.66
C TYR A 480 5.16 -7.92 -3.37
N HIS A 481 4.47 -7.32 -2.40
CA HIS A 481 5.09 -6.85 -1.16
C HIS A 481 5.77 -7.96 -0.37
N ILE A 482 5.24 -9.18 -0.50
CA ILE A 482 5.81 -10.32 0.19
C ILE A 482 7.11 -10.76 -0.51
N SER A 483 7.09 -10.82 -1.84
CA SER A 483 8.32 -11.10 -2.61
C SER A 483 9.37 -10.00 -2.46
N ALA A 484 8.92 -8.74 -2.37
CA ALA A 484 9.83 -7.59 -2.35
C ALA A 484 10.19 -7.11 -0.95
N ASP A 485 9.74 -7.84 0.07
CA ASP A 485 10.03 -7.51 1.48
C ASP A 485 9.64 -6.06 1.81
N VAL A 486 8.38 -5.75 1.56
CA VAL A 486 7.82 -4.44 1.89
C VAL A 486 6.78 -4.64 2.99
N GLU A 487 6.99 -3.99 4.14
CA GLU A 487 6.06 -4.06 5.27
C GLU A 487 4.67 -3.64 4.80
N TYR A 488 3.63 -4.32 5.26
CA TYR A 488 2.28 -4.06 4.78
C TYR A 488 1.35 -3.32 5.75
N LEU A 489 1.71 -3.31 7.04
CA LEU A 489 0.88 -2.66 8.05
C LEU A 489 0.65 -1.18 7.74
N ARG A 490 1.63 -0.55 7.10
CA ARG A 490 1.51 0.81 6.61
C ARG A 490 0.21 1.06 5.86
N TYR A 491 -0.26 0.05 5.12
CA TYR A 491 -1.50 0.18 4.35
C TYR A 491 -2.75 0.06 5.20
N LEU A 492 -2.72 -0.79 6.23
CA LEU A 492 -3.82 -0.86 7.18
C LEU A 492 -3.94 0.48 7.91
N VAL A 493 -2.81 0.98 8.39
CA VAL A 493 -2.77 2.28 9.06
C VAL A 493 -3.30 3.38 8.13
N SER A 494 -2.79 3.41 6.91
CA SER A 494 -3.22 4.37 5.89
C SER A 494 -4.72 4.39 5.67
N PHE A 495 -5.31 3.21 5.47
CA PHE A 495 -6.75 3.13 5.16
C PHE A 495 -7.63 3.60 6.32
N ILE A 496 -7.12 3.54 7.55
CA ILE A 496 -7.77 4.15 8.71
C ILE A 496 -7.53 5.67 8.76
N ILE A 497 -6.26 6.08 8.76
CA ILE A 497 -5.95 7.51 8.97
C ILE A 497 -6.29 8.40 7.77
N GLN A 498 -6.36 7.84 6.57
CA GLN A 498 -6.73 8.66 5.40
C GLN A 498 -8.13 9.27 5.55
N PHE A 499 -9.01 8.60 6.28
CA PHE A 499 -10.34 9.14 6.53
C PHE A 499 -10.33 10.21 7.60
N GLN A 500 -9.40 10.11 8.56
CA GLN A 500 -9.17 11.19 9.52
C GLN A 500 -8.69 12.44 8.79
N PHE A 501 -7.71 12.28 7.91
CA PHE A 501 -7.20 13.38 7.08
C PHE A 501 -8.29 13.96 6.16
N TYR A 502 -9.02 13.07 5.47
CA TYR A 502 -10.05 13.47 4.52
C TYR A 502 -11.18 14.24 5.19
N LYS A 503 -11.68 13.73 6.32
CA LYS A 503 -12.74 14.39 7.07
C LYS A 503 -12.31 15.80 7.50
N SER A 504 -11.09 15.91 8.02
CA SER A 504 -10.57 17.22 8.45
C SER A 504 -10.34 18.19 7.30
N ALA A 505 -9.74 17.71 6.21
CA ALA A 505 -9.52 18.53 5.01
C ALA A 505 -10.85 19.01 4.43
N CYS A 506 -11.85 18.13 4.42
CA CYS A 506 -13.18 18.47 3.94
C CYS A 506 -13.87 19.55 4.80
N ILE A 507 -13.71 19.45 6.12
CA ILE A 507 -14.24 20.45 7.04
C ILE A 507 -13.56 21.81 6.82
N LYS A 508 -12.23 21.79 6.71
CA LYS A 508 -11.43 22.99 6.45
C LYS A 508 -11.78 23.63 5.10
N ALA A 509 -12.14 22.78 4.14
CA ALA A 509 -12.50 23.25 2.81
C ALA A 509 -13.94 23.77 2.74
N GLY A 510 -14.69 23.59 3.83
CA GLY A 510 -16.12 23.94 3.87
C GLY A 510 -16.96 22.99 3.03
N GLN A 511 -16.45 21.77 2.83
CA GLN A 511 -17.07 20.76 1.99
C GLN A 511 -17.84 19.71 2.77
N TYR A 512 -17.64 19.67 4.08
CA TYR A 512 -18.36 18.72 4.93
C TYR A 512 -18.92 19.38 6.18
N ASP A 513 -20.21 19.21 6.36
CA ASP A 513 -20.92 19.60 7.57
C ASP A 513 -21.92 18.47 7.87
N PRO A 514 -21.74 17.79 9.02
CA PRO A 514 -22.60 16.65 9.39
C PRO A 514 -24.07 17.02 9.59
N ASP A 515 -24.33 18.32 9.81
CA ASP A 515 -25.70 18.80 10.00
C ASP A 515 -26.30 19.43 8.74
N ASN A 516 -25.59 19.28 7.62
CA ASN A 516 -26.05 19.82 6.34
C ASN A 516 -26.15 18.71 5.28
N VAL A 517 -27.39 18.41 4.88
CA VAL A 517 -27.70 17.36 3.91
C VAL A 517 -27.04 17.58 2.53
N GLU A 518 -26.74 18.84 2.22
CA GLU A 518 -26.14 19.19 0.94
C GLU A 518 -24.61 19.06 0.96
N LEU A 519 -24.04 18.80 2.13
CA LEU A 519 -22.59 18.65 2.28
C LEU A 519 -22.19 17.32 2.93
N PRO A 520 -22.48 16.19 2.25
CA PRO A 520 -22.11 14.89 2.82
C PRO A 520 -20.63 14.57 2.60
N LEU A 521 -20.05 13.80 3.51
CA LEU A 521 -18.62 13.47 3.46
C LEU A 521 -18.23 12.72 2.20
N ASP A 522 -19.12 11.83 1.75
CA ASP A 522 -18.88 10.99 0.57
C ASP A 522 -19.01 11.72 -0.78
N ASN A 523 -19.30 13.02 -0.75
CA ASN A 523 -19.27 13.81 -1.97
C ASN A 523 -18.39 15.07 -1.85
N CYS A 524 -17.46 15.05 -0.90
CA CYS A 524 -16.54 16.18 -0.70
C CYS A 524 -15.42 16.21 -1.74
N ASP A 525 -15.21 17.40 -2.31
CA ASP A 525 -14.10 17.63 -3.23
C ASP A 525 -13.20 18.72 -2.67
N ILE A 526 -11.96 18.35 -2.34
CA ILE A 526 -10.99 19.31 -1.81
C ILE A 526 -10.13 19.97 -2.90
N TYR A 527 -10.47 19.75 -4.17
CA TYR A 527 -9.77 20.42 -5.26
C TYR A 527 -9.85 21.93 -5.05
N GLY A 528 -8.73 22.62 -5.24
CA GLY A 528 -8.67 24.07 -5.16
C GLY A 528 -8.68 24.66 -3.76
N SER A 529 -8.64 23.81 -2.73
CA SER A 529 -8.70 24.29 -1.36
C SER A 529 -7.32 24.57 -0.75
N ALA A 530 -7.01 25.85 -0.62
CA ALA A 530 -5.75 26.29 0.01
C ALA A 530 -5.73 25.96 1.49
N ALA A 531 -6.90 25.97 2.12
CA ALA A 531 -7.02 25.68 3.55
C ALA A 531 -6.70 24.20 3.84
N ALA A 532 -7.17 23.30 2.98
CA ALA A 532 -6.83 21.89 3.10
C ALA A 532 -5.34 21.67 2.82
N GLY A 533 -4.83 22.36 1.81
CA GLY A 533 -3.41 22.31 1.46
C GLY A 533 -2.48 22.80 2.57
N ALA A 534 -2.93 23.82 3.30
CA ALA A 534 -2.18 24.39 4.42
C ALA A 534 -1.98 23.36 5.53
N ALA A 535 -3.02 22.59 5.82
CA ALA A 535 -2.96 21.49 6.78
C ALA A 535 -1.94 20.44 6.34
N PHE A 536 -1.99 20.06 5.06
CA PHE A 536 -1.01 19.13 4.49
C PHE A 536 0.41 19.67 4.58
N HIS A 537 0.58 20.95 4.24
CA HIS A 537 1.90 21.57 4.35
C HIS A 537 2.43 21.52 5.79
N ASN A 538 1.59 21.89 6.76
CA ASN A 538 1.98 21.88 8.17
C ASN A 538 2.44 20.51 8.65
N MET A 539 1.74 19.47 8.22
CA MET A 539 2.07 18.11 8.64
C MET A 539 3.24 17.52 7.86
N LEU A 540 3.17 17.58 6.52
CA LEU A 540 4.14 16.90 5.67
C LEU A 540 5.55 17.49 5.76
N SER A 541 5.65 18.80 5.97
CA SER A 541 6.95 19.48 6.04
C SER A 541 7.77 19.00 7.24
N MET A 542 7.08 18.44 8.23
CA MET A 542 7.73 17.90 9.43
C MET A 542 8.56 16.65 9.15
N GLY A 543 8.18 15.88 8.13
CA GLY A 543 8.76 14.57 7.92
C GLY A 543 8.70 13.74 9.19
N ALA A 544 9.83 13.16 9.56
CA ALA A 544 9.92 12.34 10.77
C ALA A 544 10.64 13.06 11.93
N SER A 545 10.60 14.40 11.90
CA SER A 545 11.26 15.22 12.93
C SER A 545 10.63 15.10 14.31
N LYS A 546 9.38 14.65 14.35
CA LYS A 546 8.64 14.50 15.59
C LYS A 546 7.85 13.18 15.54
N PRO A 547 7.56 12.59 16.72
CA PRO A 547 6.69 11.40 16.75
C PRO A 547 5.36 11.69 16.07
N TRP A 548 4.78 10.67 15.43
CA TRP A 548 3.63 10.85 14.54
C TRP A 548 2.40 11.54 15.15
N PRO A 549 2.15 11.36 16.47
CA PRO A 549 1.01 12.08 17.04
C PRO A 549 1.17 13.60 16.95
N ASP A 550 2.41 14.09 16.96
CA ASP A 550 2.70 15.51 16.76
C ASP A 550 2.43 15.94 15.32
N ALA A 551 2.67 15.03 14.38
CA ALA A 551 2.40 15.29 12.97
C ALA A 551 0.90 15.37 12.71
N LEU A 552 0.15 14.43 13.29
CA LEU A 552 -1.30 14.45 13.21
C LEU A 552 -1.86 15.72 13.84
N GLU A 553 -1.32 16.11 14.99
CA GLU A 553 -1.72 17.34 15.68
C GLU A 553 -1.52 18.59 14.81
N ALA A 554 -0.44 18.61 14.05
CA ALA A 554 -0.15 19.70 13.10
C ALA A 554 -1.20 19.79 11.99
N PHE A 555 -1.77 18.64 11.62
CA PHE A 555 -2.82 18.60 10.60
C PHE A 555 -4.17 19.11 11.12
N ASN A 556 -4.66 18.48 12.20
CA ASN A 556 -6.02 18.75 12.68
C ASN A 556 -6.21 18.88 14.20
N GLY A 557 -5.10 18.94 14.94
CA GLY A 557 -5.14 19.10 16.38
C GLY A 557 -5.38 17.83 17.19
N GLU A 558 -5.52 16.70 16.50
CA GLU A 558 -5.72 15.41 17.16
C GLU A 558 -4.41 14.65 17.30
N ARG A 559 -4.36 13.72 18.25
CA ARG A 559 -3.13 12.98 18.57
C ARG A 559 -3.33 11.47 18.56
N ILE A 560 -4.55 11.04 18.23
CA ILE A 560 -4.94 9.62 18.34
C ILE A 560 -5.40 9.06 17.00
N MET A 561 -4.84 7.92 16.62
CA MET A 561 -5.35 7.12 15.49
C MET A 561 -6.72 6.56 15.84
N SER A 562 -7.71 6.82 14.97
CA SER A 562 -9.09 6.51 15.31
C SER A 562 -9.90 6.00 14.11
N GLY A 563 -10.73 5.01 14.37
CA GLY A 563 -11.66 4.49 13.35
C GLY A 563 -12.96 5.28 13.25
N LYS A 564 -13.06 6.37 14.00
CA LYS A 564 -14.27 7.21 14.00
C LYS A 564 -14.59 7.73 12.60
N ALA A 565 -13.59 8.28 11.92
CA ALA A 565 -13.79 8.94 10.62
C ALA A 565 -14.23 7.96 9.51
N ILE A 566 -13.60 6.80 9.44
CA ILE A 566 -13.98 5.81 8.42
C ILE A 566 -15.41 5.30 8.66
N ALA A 567 -15.77 5.10 9.93
CA ALA A 567 -17.13 4.64 10.26
C ALA A 567 -18.18 5.71 9.95
N GLU A 568 -17.79 6.98 10.13
CA GLU A 568 -18.65 8.13 9.84
C GLU A 568 -18.93 8.21 8.34
N TYR A 569 -17.89 8.04 7.53
CA TYR A 569 -18.00 8.03 6.07
C TYR A 569 -19.00 6.99 5.58
N PHE A 570 -18.92 5.78 6.12
CA PHE A 570 -19.73 4.65 5.64
C PHE A 570 -21.03 4.43 6.39
N GLU A 571 -21.31 5.24 7.40
CA GLU A 571 -22.52 5.07 8.21
C GLU A 571 -23.82 4.94 7.39
N PRO A 572 -24.04 5.83 6.39
CA PRO A 572 -25.24 5.65 5.55
C PRO A 572 -25.29 4.30 4.82
N LEU A 573 -24.12 3.79 4.41
CA LEU A 573 -24.05 2.46 3.81
C LEU A 573 -24.38 1.36 4.83
N ARG A 574 -23.78 1.45 6.02
CA ARG A 574 -24.03 0.48 7.09
C ARG A 574 -25.52 0.35 7.40
N VAL A 575 -26.20 1.49 7.59
CA VAL A 575 -27.64 1.51 7.85
C VAL A 575 -28.40 0.80 6.72
N TRP A 576 -28.14 1.19 5.48
CA TRP A 576 -28.82 0.61 4.33
C TRP A 576 -28.53 -0.89 4.16
N LEU A 577 -27.27 -1.27 4.30
CA LEU A 577 -26.84 -2.64 4.03
C LEU A 577 -27.34 -3.63 5.07
N GLU A 578 -27.28 -3.25 6.34
CA GLU A 578 -27.83 -4.08 7.41
C GLU A 578 -29.29 -4.42 7.12
N ALA A 579 -30.07 -3.38 6.77
CA ALA A 579 -31.47 -3.53 6.41
C ALA A 579 -31.67 -4.40 5.17
N GLU A 580 -30.84 -4.19 4.15
CA GLU A 580 -30.96 -4.93 2.89
C GLU A 580 -30.65 -6.42 3.07
N ASN A 581 -29.66 -6.72 3.91
CA ASN A 581 -29.32 -8.10 4.22
C ASN A 581 -30.41 -8.84 5.00
N ILE A 582 -31.07 -8.12 5.90
CA ILE A 582 -32.24 -8.65 6.62
C ILE A 582 -33.39 -8.87 5.64
N LYS A 583 -33.65 -7.87 4.80
CA LYS A 583 -34.71 -7.93 3.79
C LYS A 583 -34.57 -9.17 2.89
N ASN A 584 -33.34 -9.47 2.50
CA ASN A 584 -33.05 -10.58 1.58
C ASN A 584 -32.61 -11.86 2.28
N ASN A 585 -32.74 -11.90 3.61
CA ASN A 585 -32.39 -13.08 4.41
C ASN A 585 -30.97 -13.57 4.08
N VAL A 586 -30.03 -12.64 4.04
CA VAL A 586 -28.66 -12.91 3.60
C VAL A 586 -27.86 -13.58 4.71
N HIS A 587 -27.27 -14.74 4.40
CA HIS A 587 -26.41 -15.43 5.35
C HIS A 587 -25.13 -14.64 5.59
N ILE A 588 -24.79 -14.48 6.86
CA ILE A 588 -23.59 -13.75 7.26
C ILE A 588 -22.62 -14.70 7.94
N GLY A 589 -21.33 -14.57 7.62
CA GLY A 589 -20.30 -15.43 8.19
C GLY A 589 -20.03 -16.61 7.27
N TRP A 590 -19.03 -17.41 7.61
CA TRP A 590 -18.61 -18.50 6.74
C TRP A 590 -18.03 -19.68 7.52
N THR A 591 -18.20 -20.87 6.95
CA THR A 591 -17.58 -22.08 7.49
C THR A 591 -16.08 -22.08 7.19
N THR A 592 -15.31 -22.88 7.93
CA THR A 592 -13.87 -23.02 7.70
C THR A 592 -13.63 -23.65 6.33
N SER A 593 -12.67 -23.07 5.61
CA SER A 593 -12.31 -23.49 4.25
C SER A 593 -11.74 -24.91 4.21
N ASN A 594 -12.03 -25.61 3.12
CA ASN A 594 -11.49 -26.94 2.84
CA ASN A 594 -11.44 -26.94 2.92
C ASN A 594 -10.40 -26.92 1.78
N LYS A 595 -9.97 -25.72 1.41
CA LYS A 595 -9.06 -25.52 0.28
C LYS A 595 -7.56 -25.60 0.55
N CYS A 596 -7.15 -25.81 1.80
CA CYS A 596 -5.74 -26.07 2.10
C CYS A 596 -5.62 -27.37 2.89
N VAL A 597 -5.01 -28.36 2.25
CA VAL A 597 -4.83 -29.69 2.86
C VAL A 597 -3.55 -29.72 3.69
N SER A 598 -3.69 -30.06 4.97
CA SER A 598 -2.57 -30.07 5.91
C SER A 598 -1.68 -31.30 5.74
#